data_3D2S
#
_entry.id   3D2S
#
_cell.length_a   56.421
_cell.length_b   56.899
_cell.length_c   58.222
_cell.angle_alpha   90.00
_cell.angle_beta   108.81
_cell.angle_gamma   90.00
#
_symmetry.space_group_name_H-M   'P 1 21 1'
#
loop_
_entity.id
_entity.type
_entity.pdbx_description
1 polymer "5'-R(*CP*GP*CP*UP*GP*U)-3'"
2 polymer 'Muscleblind-like protein 1'
3 non-polymer 'ZINC ION'
4 water water
#
loop_
_entity_poly.entity_id
_entity_poly.type
_entity_poly.pdbx_seq_one_letter_code
_entity_poly.pdbx_strand_id
1 'polyribonucleotide' CGCUGU E,F,G,H
2 'polypeptide(L)' SRTDRLEVCREYQRGNCNRGENDCRFAHPADSTMIDTNDNTVTVCMDYIKGRCSREKCKYFHPPAHLQAK A,B,C,D
#
# COMPACT_ATOMS: atom_id res chain seq x y z
N THR E 3 13.49 1.03 16.86
CA THR E 3 12.25 0.23 16.65
C THR E 3 12.54 -1.27 16.73
N ASP E 4 13.69 -1.67 17.27
CA ASP E 4 14.12 -3.06 17.24
C ASP E 4 13.79 -3.87 18.51
N ARG E 5 12.99 -3.30 19.40
CA ARG E 5 12.57 -4.02 20.62
C ARG E 5 11.09 -3.79 20.87
N LEU E 6 10.41 -4.81 21.35
CA LEU E 6 9.00 -4.73 21.74
C LEU E 6 8.76 -5.39 23.08
N GLU E 7 7.86 -4.80 23.86
CA GLU E 7 7.50 -5.32 25.16
C GLU E 7 6.56 -6.50 25.06
N VAL E 8 6.83 -7.55 25.84
CA VAL E 8 6.02 -8.78 25.85
C VAL E 8 4.73 -8.62 26.68
N CYS E 9 3.63 -9.20 26.21
CA CYS E 9 2.38 -9.27 26.95
C CYS E 9 2.51 -10.15 28.18
N ARG E 10 2.39 -9.56 29.36
CA ARG E 10 2.41 -10.33 30.58
C ARG E 10 1.29 -11.34 30.70
N GLU E 11 0.09 -10.97 30.28
CA GLU E 11 -1.04 -11.88 30.41
C GLU E 11 -0.86 -13.09 29.50
N TYR E 12 -0.30 -12.88 28.31
CA TYR E 12 0.07 -13.99 27.44
C TYR E 12 1.07 -14.89 28.16
N GLN E 13 2.10 -14.29 28.76
CA GLN E 13 3.11 -15.04 29.51
C GLN E 13 2.59 -15.85 30.68
N ARG E 14 1.51 -15.39 31.32
CA ARG E 14 0.87 -16.21 32.35
C ARG E 14 -0.40 -16.90 31.82
N GLY E 15 -0.51 -16.97 30.50
CA GLY E 15 -1.56 -17.74 29.81
C GLY E 15 -2.92 -17.10 29.91
N ASN E 16 -2.98 -15.79 29.81
CA ASN E 16 -4.10 -15.02 30.34
C ASN E 16 -4.57 -13.84 29.47
N CYS E 17 -4.30 -13.85 28.16
CA CYS E 17 -4.68 -12.71 27.29
C CYS E 17 -6.07 -12.84 26.62
N ASN E 18 -7.09 -12.23 27.24
CA ASN E 18 -8.45 -12.26 26.70
C ASN E 18 -8.62 -11.46 25.40
N ARG E 19 -7.81 -10.42 25.21
CA ARG E 19 -7.81 -9.65 23.96
C ARG E 19 -7.40 -10.46 22.74
N GLY E 20 -6.46 -11.39 22.93
CA GLY E 20 -5.88 -12.14 21.85
C GLY E 20 -4.82 -11.34 21.10
N GLU E 21 -3.99 -12.04 20.35
CA GLU E 21 -2.84 -11.44 19.70
C GLU E 21 -3.23 -10.29 18.79
N ASN E 22 -4.27 -10.48 17.97
CA ASN E 22 -4.73 -9.42 17.07
C ASN E 22 -5.06 -8.08 17.71
N ASP E 23 -5.71 -8.15 18.88
CA ASP E 23 -6.19 -6.94 19.56
C ASP E 23 -5.34 -6.54 20.76
N CYS E 24 -4.24 -7.24 20.99
CA CYS E 24 -3.28 -6.91 22.05
C CYS E 24 -2.17 -5.98 21.59
N ARG E 25 -1.88 -4.96 22.40
CA ARG E 25 -0.81 -3.99 22.12
C ARG E 25 0.60 -4.44 22.46
N PHE E 26 0.78 -5.67 22.95
CA PHE E 26 2.09 -6.15 23.35
C PHE E 26 2.44 -7.39 22.49
N ALA E 27 3.70 -7.78 22.53
CA ALA E 27 4.18 -8.92 21.75
C ALA E 27 3.74 -10.26 22.34
N HIS E 28 3.33 -11.19 21.47
CA HIS E 28 3.04 -12.56 21.84
C HIS E 28 4.09 -13.40 21.12
N PRO E 29 5.33 -13.40 21.65
CA PRO E 29 6.34 -14.09 20.85
C PRO E 29 6.32 -15.63 20.97
N ALA E 30 6.91 -16.30 19.99
CA ALA E 30 7.17 -17.73 20.12
C ALA E 30 8.08 -18.05 21.31
N ASP E 31 7.89 -19.23 21.91
CA ASP E 31 8.64 -19.63 23.09
C ASP E 31 10.14 -19.78 22.85
N SER E 32 10.54 -20.03 21.61
CA SER E 32 11.94 -20.15 21.26
C SER E 32 12.64 -18.78 21.19
N THR E 33 11.86 -17.69 21.10
CA THR E 33 12.44 -16.35 21.07
C THR E 33 12.84 -15.91 22.49
N MET E 34 14.08 -15.46 22.62
CA MET E 34 14.68 -15.09 23.90
C MET E 34 14.06 -13.78 24.41
N ILE E 35 13.60 -13.79 25.66
CA ILE E 35 13.06 -12.59 26.29
C ILE E 35 14.15 -12.01 27.19
N ASP E 36 14.42 -10.73 27.01
CA ASP E 36 15.30 -9.96 27.89
C ASP E 36 14.53 -9.79 29.19
N THR E 37 14.98 -10.48 30.23
CA THR E 37 14.22 -10.54 31.48
C THR E 37 14.29 -9.23 32.28
N ASN E 38 15.23 -8.37 31.92
CA ASN E 38 15.43 -7.09 32.59
C ASN E 38 14.35 -6.05 32.29
N ASP E 39 13.87 -6.01 31.05
CA ASP E 39 12.73 -5.16 30.70
C ASP E 39 11.57 -5.87 29.99
N ASN E 40 11.61 -7.20 29.98
CA ASN E 40 10.55 -8.03 29.39
C ASN E 40 10.28 -7.69 27.93
N THR E 41 11.34 -7.58 27.15
CA THR E 41 11.19 -7.29 25.74
C THR E 41 11.77 -8.41 24.91
N VAL E 42 11.38 -8.40 23.64
CA VAL E 42 11.95 -9.29 22.63
C VAL E 42 12.60 -8.46 21.51
N THR E 43 13.58 -9.07 20.85
CA THR E 43 14.24 -8.50 19.69
C THR E 43 13.34 -8.65 18.48
N VAL E 44 13.12 -7.54 17.79
CA VAL E 44 12.35 -7.51 16.54
C VAL E 44 13.24 -7.91 15.36
N CYS E 45 12.69 -8.75 14.48
CA CYS E 45 13.32 -9.08 13.22
C CYS E 45 13.19 -7.92 12.25
N MET E 46 14.29 -7.23 12.01
CA MET E 46 14.27 -6.03 11.19
C MET E 46 14.08 -6.38 9.70
N ASP E 47 14.57 -7.56 9.31
CA ASP E 47 14.29 -8.07 7.96
C ASP E 47 12.77 -8.20 7.76
N TYR E 48 12.07 -8.75 8.74
CA TYR E 48 10.62 -8.96 8.66
C TYR E 48 9.82 -7.65 8.47
N ILE E 49 10.23 -6.59 9.16
CA ILE E 49 9.61 -5.27 9.02
C ILE E 49 9.60 -4.80 7.55
N LYS E 50 10.63 -5.20 6.81
CA LYS E 50 10.72 -4.90 5.39
C LYS E 50 10.26 -6.00 4.46
N GLY E 51 9.66 -7.06 4.99
CA GLY E 51 9.26 -8.20 4.16
C GLY E 51 10.37 -9.03 3.56
N ARG E 52 11.52 -9.06 4.22
CA ARG E 52 12.70 -9.74 3.71
C ARG E 52 13.32 -10.77 4.63
N CYS E 53 12.51 -11.38 5.48
CA CYS E 53 12.99 -12.54 6.24
C CYS E 53 12.53 -13.86 5.62
N SER E 54 13.49 -14.60 5.09
CA SER E 54 13.19 -15.87 4.46
C SER E 54 13.73 -17.06 5.27
N ARG E 55 14.19 -16.83 6.51
CA ARG E 55 14.69 -17.92 7.37
C ARG E 55 13.60 -18.91 7.79
N GLU E 56 13.89 -20.21 7.73
CA GLU E 56 12.88 -21.22 8.07
C GLU E 56 12.54 -21.11 9.54
N LYS E 57 13.57 -20.85 10.33
CA LYS E 57 13.44 -20.71 11.77
C LYS E 57 14.21 -19.47 12.21
N CYS E 58 13.51 -18.35 12.29
CA CYS E 58 14.12 -17.09 12.71
C CYS E 58 14.22 -16.95 14.22
N LYS E 59 15.31 -16.37 14.72
CA LYS E 59 15.56 -16.21 16.16
C LYS E 59 14.76 -15.08 16.80
N TYR E 60 14.29 -14.17 15.95
CA TYR E 60 13.67 -12.92 16.42
C TYR E 60 12.17 -12.88 16.18
N PHE E 61 11.55 -11.90 16.80
CA PHE E 61 10.10 -11.74 16.73
C PHE E 61 9.65 -11.06 15.44
N HIS E 62 8.63 -11.66 14.82
CA HIS E 62 7.94 -11.11 13.67
C HIS E 62 6.67 -10.43 14.09
N PRO E 63 6.74 -9.10 14.29
CA PRO E 63 5.55 -8.42 14.84
C PRO E 63 4.41 -8.29 13.86
N PRO E 64 3.19 -8.63 14.29
CA PRO E 64 2.06 -8.34 13.42
C PRO E 64 1.95 -6.85 13.10
N ALA E 65 1.23 -6.51 12.04
CA ALA E 65 1.21 -5.16 11.52
C ALA E 65 0.72 -4.17 12.54
N HIS E 66 -0.26 -4.56 13.37
CA HIS E 66 -0.81 -3.64 14.38
C HIS E 66 0.17 -3.23 15.47
N LEU E 67 1.27 -3.97 15.64
CA LEU E 67 2.33 -3.57 16.59
C LEU E 67 3.38 -2.65 15.98
N GLN E 68 3.35 -2.49 14.65
CA GLN E 68 4.30 -1.70 13.92
C GLN E 68 3.81 -0.30 13.57
N ALA E 69 4.74 0.47 13.02
CA ALA E 69 4.58 1.83 12.47
C ALA E 69 3.23 2.48 12.68
N ARG F 2 9.32 -20.05 3.08
CA ARG F 2 8.37 -20.07 4.23
C ARG F 2 6.93 -20.04 3.75
N THR F 3 6.02 -20.51 4.60
CA THR F 3 4.58 -20.53 4.32
C THR F 3 4.01 -19.13 4.06
N ASP F 4 4.63 -18.14 4.69
CA ASP F 4 4.12 -16.78 4.67
C ASP F 4 4.72 -15.90 3.58
N ARG F 5 5.52 -16.47 2.67
CA ARG F 5 6.07 -15.69 1.58
C ARG F 5 5.57 -16.29 0.29
N LEU F 6 4.85 -15.49 -0.48
CA LEU F 6 4.16 -15.96 -1.67
C LEU F 6 4.74 -15.31 -2.93
N GLU F 7 4.91 -16.12 -3.96
CA GLU F 7 5.43 -15.62 -5.21
C GLU F 7 4.40 -14.71 -5.89
N VAL F 8 4.88 -13.60 -6.43
CA VAL F 8 4.04 -12.64 -7.14
C VAL F 8 3.79 -13.05 -8.58
N CYS F 9 2.60 -12.73 -9.07
CA CYS F 9 2.17 -13.02 -10.45
C CYS F 9 2.85 -12.04 -11.40
N ARG F 10 3.74 -12.55 -12.24
CA ARG F 10 4.49 -11.68 -13.16
C ARG F 10 3.63 -11.09 -14.26
N GLU F 11 2.63 -11.85 -14.73
CA GLU F 11 1.66 -11.30 -15.68
C GLU F 11 0.87 -10.15 -15.09
N TYR F 12 0.46 -10.27 -13.84
CA TYR F 12 -0.24 -9.20 -13.14
C TYR F 12 0.62 -7.94 -13.04
N GLN F 13 1.91 -8.14 -12.75
CA GLN F 13 2.86 -7.05 -12.66
C GLN F 13 2.98 -6.32 -13.99
N ARG F 14 2.92 -7.05 -15.10
CA ARG F 14 2.94 -6.43 -16.43
C ARG F 14 1.59 -5.82 -16.82
N GLY F 15 0.54 -6.11 -16.07
CA GLY F 15 -0.82 -5.64 -16.36
C GLY F 15 -1.64 -6.63 -17.18
N ASN F 16 -1.07 -7.81 -17.40
CA ASN F 16 -1.63 -8.81 -18.30
C ASN F 16 -2.12 -10.12 -17.66
N CYS F 17 -2.57 -10.12 -16.40
CA CYS F 17 -3.15 -11.37 -15.85
C CYS F 17 -4.65 -11.31 -16.02
N ASN F 18 -5.15 -12.40 -16.61
CA ASN F 18 -6.49 -12.57 -17.14
C ASN F 18 -7.35 -13.51 -16.29
N ARG F 19 -6.75 -14.08 -15.26
CA ARG F 19 -7.37 -15.16 -14.50
C ARG F 19 -8.22 -14.58 -13.40
N GLY F 20 -7.80 -13.41 -12.89
CA GLY F 20 -8.34 -12.85 -11.67
C GLY F 20 -7.58 -13.43 -10.49
N GLU F 21 -7.55 -12.69 -9.39
CA GLU F 21 -6.86 -13.16 -8.20
C GLU F 21 -7.42 -14.44 -7.62
N ASN F 22 -8.73 -14.70 -7.78
CA ASN F 22 -9.32 -15.90 -7.21
C ASN F 22 -9.00 -17.19 -7.96
N ASP F 23 -8.49 -17.06 -9.18
CA ASP F 23 -8.08 -18.22 -9.94
C ASP F 23 -6.56 -18.38 -10.07
N CYS F 24 -5.83 -17.27 -9.96
CA CYS F 24 -4.40 -17.24 -10.16
C CYS F 24 -3.66 -17.87 -8.98
N ARG F 25 -2.64 -18.67 -9.27
CA ARG F 25 -1.91 -19.36 -8.21
C ARG F 25 -0.89 -18.47 -7.55
N PHE F 26 -0.71 -17.26 -8.09
CA PHE F 26 0.33 -16.33 -7.59
C PHE F 26 -0.28 -15.05 -7.02
N ALA F 27 0.48 -14.32 -6.21
CA ALA F 27 -0.08 -13.14 -5.55
C ALA F 27 -0.26 -11.96 -6.49
N HIS F 28 -1.40 -11.27 -6.31
CA HIS F 28 -1.67 -9.98 -6.90
C HIS F 28 -1.56 -8.89 -5.81
N PRO F 29 -0.35 -8.36 -5.62
CA PRO F 29 -0.17 -7.41 -4.51
C PRO F 29 -0.91 -6.10 -4.75
N ALA F 30 -1.44 -5.53 -3.67
CA ALA F 30 -1.96 -4.15 -3.67
C ALA F 30 -0.82 -3.14 -3.81
N ASP F 31 -1.17 -1.90 -4.10
CA ASP F 31 -0.18 -0.85 -4.28
C ASP F 31 0.75 -0.78 -3.07
N SER F 32 0.13 -0.93 -1.91
CA SER F 32 0.82 -0.71 -0.64
C SER F 32 1.66 -1.91 -0.18
N THR F 33 1.43 -3.06 -0.80
CA THR F 33 2.11 -4.30 -0.40
C THR F 33 3.56 -4.28 -0.79
N MET F 34 4.45 -4.56 0.17
CA MET F 34 5.88 -4.65 -0.06
C MET F 34 6.19 -5.86 -0.93
N ILE F 35 7.06 -5.67 -1.92
CA ILE F 35 7.61 -6.80 -2.68
C ILE F 35 9.11 -6.95 -2.46
N ASP F 36 9.51 -8.14 -2.03
CA ASP F 36 10.91 -8.50 -1.89
C ASP F 36 11.47 -8.82 -3.28
N THR F 37 12.27 -7.90 -3.81
CA THR F 37 12.80 -8.02 -5.18
C THR F 37 13.87 -9.10 -5.35
N ASN F 38 14.35 -9.64 -4.23
CA ASN F 38 15.28 -10.77 -4.30
C ASN F 38 14.68 -12.03 -4.91
N ASP F 39 13.42 -12.32 -4.56
CA ASP F 39 12.71 -13.49 -5.06
C ASP F 39 11.29 -13.21 -5.57
N ASN F 40 10.95 -11.92 -5.70
CA ASN F 40 9.64 -11.49 -6.18
C ASN F 40 8.51 -12.08 -5.36
N THR F 41 8.63 -11.94 -4.04
CA THR F 41 7.59 -12.42 -3.12
C THR F 41 6.99 -11.31 -2.30
N VAL F 42 5.82 -11.60 -1.74
CA VAL F 42 5.19 -10.75 -0.73
C VAL F 42 5.09 -11.55 0.57
N THR F 43 4.95 -10.83 1.69
CA THR F 43 4.89 -11.45 3.00
C THR F 43 3.45 -11.32 3.51
N VAL F 44 2.88 -12.44 3.94
CA VAL F 44 1.48 -12.49 4.29
C VAL F 44 1.25 -11.81 5.62
N CYS F 45 0.17 -11.05 5.68
CA CYS F 45 -0.20 -10.36 6.92
C CYS F 45 -0.83 -11.34 7.92
N MET F 46 -0.17 -11.53 9.06
CA MET F 46 -0.68 -12.45 10.08
C MET F 46 -1.93 -11.93 10.75
N ASP F 47 -2.05 -10.62 10.97
CA ASP F 47 -3.31 -10.06 11.46
C ASP F 47 -4.50 -10.45 10.54
N TYR F 48 -4.30 -10.33 9.23
CA TYR F 48 -5.37 -10.61 8.28
C TYR F 48 -5.78 -12.08 8.37
N ILE F 49 -4.80 -12.97 8.37
CA ILE F 49 -5.10 -14.37 8.27
C ILE F 49 -5.63 -14.93 9.58
N LYS F 50 -5.16 -14.41 10.71
CA LYS F 50 -5.58 -14.94 12.01
C LYS F 50 -6.74 -14.20 12.67
N GLY F 51 -7.10 -13.06 12.12
CA GLY F 51 -8.20 -12.30 12.66
C GLY F 51 -8.69 -11.26 11.67
N ARG F 52 -8.44 -10.01 12.03
CA ARG F 52 -8.86 -8.89 11.24
C ARG F 52 -7.63 -8.02 11.08
N CYS F 53 -7.42 -7.51 9.87
CA CYS F 53 -6.47 -6.42 9.69
C CYS F 53 -7.24 -5.19 9.25
N SER F 54 -7.17 -4.13 10.05
CA SER F 54 -7.91 -2.90 9.77
C SER F 54 -7.14 -1.93 8.89
N ARG F 55 -5.90 -2.27 8.53
CA ARG F 55 -5.06 -1.37 7.75
C ARG F 55 -5.50 -1.35 6.29
N GLU F 56 -5.93 -0.17 5.84
CA GLU F 56 -6.34 0.06 4.46
C GLU F 56 -5.22 0.03 3.43
N LYS F 57 -3.99 0.28 3.87
CA LYS F 57 -2.83 0.34 3.00
C LYS F 57 -1.72 -0.45 3.70
N CYS F 58 -2.04 -1.70 4.01
CA CYS F 58 -1.12 -2.61 4.69
C CYS F 58 0.10 -2.92 3.87
N LYS F 59 1.24 -3.03 4.54
CA LYS F 59 2.48 -3.40 3.87
C LYS F 59 2.62 -4.90 3.64
N TYR F 60 1.81 -5.67 4.34
CA TYR F 60 1.77 -7.11 4.17
C TYR F 60 0.61 -7.54 3.31
N PHE F 61 0.68 -8.74 2.76
CA PHE F 61 -0.28 -9.19 1.75
C PHE F 61 -1.51 -9.80 2.40
N HIS F 62 -2.68 -9.41 1.90
CA HIS F 62 -3.97 -9.94 2.38
C HIS F 62 -4.45 -10.92 1.31
N PRO F 63 -4.18 -12.22 1.50
CA PRO F 63 -4.37 -13.15 0.37
C PRO F 63 -5.80 -13.57 0.15
N PRO F 64 -6.16 -13.81 -1.12
CA PRO F 64 -7.43 -14.47 -1.36
C PRO F 64 -7.52 -15.79 -0.62
N ALA F 65 -8.75 -16.24 -0.37
CA ALA F 65 -8.98 -17.49 0.32
C ALA F 65 -8.11 -18.67 -0.14
N HIS F 66 -8.05 -18.89 -1.45
CA HIS F 66 -7.37 -20.08 -1.97
C HIS F 66 -5.84 -20.04 -1.85
N LEU F 67 -5.28 -18.85 -1.65
CA LEU F 67 -3.83 -18.74 -1.47
C LEU F 67 -3.46 -18.92 -0.01
N GLN F 68 -4.44 -18.92 0.90
CA GLN F 68 -4.20 -19.25 2.30
C GLN F 68 -4.22 -20.76 2.41
N ALA F 69 -3.17 -21.31 3.03
CA ALA F 69 -3.01 -22.76 3.13
C ALA F 69 -3.80 -23.30 4.30
N THR G 3 6.96 22.51 -0.48
CA THR G 3 5.68 21.76 -0.59
C THR G 3 5.94 20.24 -0.53
N ASP G 4 7.11 19.84 -0.04
CA ASP G 4 7.53 18.44 -0.06
C ASP G 4 7.24 17.63 1.21
N ARG G 5 6.42 18.18 2.12
CA ARG G 5 5.99 17.43 3.32
C ARG G 5 4.52 17.66 3.62
N LEU G 6 3.83 16.61 4.06
CA LEU G 6 2.44 16.71 4.51
C LEU G 6 2.24 16.04 5.85
N GLU G 7 1.35 16.61 6.67
CA GLU G 7 1.02 16.06 7.98
C GLU G 7 0.11 14.86 7.86
N VAL G 8 0.42 13.81 8.63
CA VAL G 8 -0.30 12.55 8.61
C VAL G 8 -1.56 12.65 9.47
N CYS G 9 -2.64 12.05 9.01
CA CYS G 9 -3.90 12.01 9.74
C CYS G 9 -3.79 11.15 10.99
N ARG G 10 -3.94 11.75 12.17
CA ARG G 10 -3.89 10.95 13.39
C ARG G 10 -5.00 9.93 13.54
N GLU G 11 -6.21 10.30 13.16
CA GLU G 11 -7.34 9.40 13.32
C GLU G 11 -7.18 8.21 12.40
N TYR G 12 -6.58 8.42 11.21
CA TYR G 12 -6.24 7.30 10.32
C TYR G 12 -5.24 6.40 11.02
N GLN G 13 -4.20 7.02 11.61
CA GLN G 13 -3.15 6.30 12.33
C GLN G 13 -3.71 5.44 13.47
N ARG G 14 -4.80 5.87 14.10
CA ARG G 14 -5.44 5.05 15.13
C ARG G 14 -6.75 4.41 14.64
N GLY G 15 -6.86 4.31 13.32
CA GLY G 15 -7.92 3.54 12.66
C GLY G 15 -9.29 4.16 12.77
N ASN G 16 -9.34 5.49 12.78
CA ASN G 16 -10.50 6.20 13.29
C ASN G 16 -10.92 7.38 12.43
N CYS G 17 -10.55 7.39 11.14
CA CYS G 17 -10.85 8.52 10.27
C CYS G 17 -12.24 8.45 9.65
N ASN G 18 -13.23 9.03 10.33
CA ASN G 18 -14.62 8.91 9.86
C ASN G 18 -14.87 9.68 8.55
N ARG G 19 -14.08 10.72 8.30
CA ARG G 19 -14.19 11.48 7.03
C ARG G 19 -13.78 10.67 5.80
N GLY G 20 -12.78 9.79 5.98
CA GLY G 20 -12.20 9.02 4.89
C GLY G 20 -11.17 9.80 4.11
N GLU G 21 -10.30 9.07 3.41
CA GLU G 21 -9.19 9.70 2.69
C GLU G 21 -9.63 10.80 1.75
N ASN G 22 -10.70 10.59 0.98
CA ASN G 22 -11.19 11.62 0.05
C ASN G 22 -11.57 12.94 0.69
N ASP G 23 -12.21 12.87 1.86
CA ASP G 23 -12.70 14.05 2.54
C ASP G 23 -11.84 14.51 3.70
N CYS G 24 -10.68 13.89 3.88
CA CYS G 24 -9.77 14.24 4.96
C CYS G 24 -8.70 15.18 4.50
N ARG G 25 -8.39 16.18 5.33
CA ARG G 25 -7.40 17.20 5.01
C ARG G 25 -5.96 16.81 5.32
N PHE G 26 -5.73 15.60 5.84
CA PHE G 26 -4.40 15.14 6.21
C PHE G 26 -4.02 13.93 5.35
N ALA G 27 -2.73 13.59 5.37
CA ALA G 27 -2.22 12.44 4.59
C ALA G 27 -2.64 11.09 5.15
N HIS G 28 -3.03 10.17 4.25
CA HIS G 28 -3.24 8.77 4.61
C HIS G 28 -2.19 7.96 3.86
N PRO G 29 -0.93 7.96 4.35
CA PRO G 29 0.10 7.28 3.59
C PRO G 29 0.03 5.76 3.73
N ALA G 30 0.63 5.09 2.76
CA ALA G 30 0.83 3.64 2.85
C ALA G 30 1.69 3.29 4.08
N ASP G 31 1.44 2.13 4.67
CA ASP G 31 2.18 1.73 5.87
C ASP G 31 3.68 1.56 5.64
N SER G 32 4.11 1.29 4.40
CA SER G 32 5.52 1.17 4.08
C SER G 32 6.27 2.51 4.00
N THR G 33 5.54 3.62 3.87
CA THR G 33 6.17 4.96 3.80
C THR G 33 6.57 5.47 5.21
N MET G 34 7.82 5.92 5.34
CA MET G 34 8.38 6.26 6.66
C MET G 34 7.81 7.61 7.14
N ILE G 35 7.26 7.63 8.35
CA ILE G 35 6.74 8.87 8.96
C ILE G 35 7.82 9.46 9.85
N ASP G 36 8.17 10.73 9.59
CA ASP G 36 8.98 11.53 10.50
C ASP G 36 8.21 11.66 11.80
N THR G 37 8.64 10.92 12.82
CA THR G 37 7.86 10.79 14.06
C THR G 37 7.90 12.06 14.92
N ASN G 38 8.85 12.94 14.61
CA ASN G 38 9.01 14.19 15.33
C ASN G 38 7.93 15.23 15.03
N ASP G 39 7.57 15.41 13.76
CA ASP G 39 6.41 16.26 13.45
C ASP G 39 5.24 15.54 12.77
N ASN G 40 5.30 14.21 12.74
CA ASN G 40 4.25 13.38 12.15
C ASN G 40 3.96 13.75 10.69
N THR G 41 5.01 13.89 9.88
CA THR G 41 4.84 14.26 8.49
C THR G 41 5.40 13.15 7.62
N VAL G 42 4.93 13.12 6.37
CA VAL G 42 5.51 12.23 5.36
C VAL G 42 6.11 13.04 4.21
N THR G 43 7.12 12.45 3.55
CA THR G 43 7.75 13.06 2.38
C THR G 43 6.83 12.91 1.17
N VAL G 44 6.60 14.02 0.47
CA VAL G 44 5.81 14.01 -0.78
C VAL G 44 6.72 13.66 -1.96
N CYS G 45 6.17 12.86 -2.86
CA CYS G 45 6.80 12.50 -4.12
C CYS G 45 6.64 13.67 -5.06
N MET G 46 7.71 14.39 -5.30
CA MET G 46 7.65 15.57 -6.15
C MET G 46 7.43 15.17 -7.61
N ASP G 47 7.95 14.01 -8.01
CA ASP G 47 7.65 13.44 -9.34
C ASP G 47 6.14 13.32 -9.54
N TYR G 48 5.47 12.75 -8.54
CA TYR G 48 4.03 12.52 -8.63
C TYR G 48 3.19 13.80 -8.79
N ILE G 49 3.59 14.85 -8.07
CA ILE G 49 2.97 16.17 -8.22
C ILE G 49 2.94 16.65 -9.70
N LYS G 50 3.97 16.26 -10.46
CA LYS G 50 4.04 16.60 -11.88
C LYS G 50 3.57 15.49 -12.83
N GLY G 51 3.04 14.41 -12.28
CA GLY G 51 2.59 13.27 -13.09
C GLY G 51 3.71 12.47 -13.72
N ARG G 52 4.87 12.47 -13.07
CA ARG G 52 6.05 11.82 -13.61
C ARG G 52 6.71 10.81 -12.69
N CYS G 53 5.93 10.19 -11.83
CA CYS G 53 6.41 9.03 -11.08
C CYS G 53 5.96 7.70 -11.68
N SER G 54 6.92 6.97 -12.25
CA SER G 54 6.64 5.68 -12.84
C SER G 54 7.15 4.49 -12.01
N ARG G 55 7.66 4.72 -10.79
CA ARG G 55 8.16 3.62 -9.92
C ARG G 55 7.08 2.61 -9.48
N GLU G 56 7.40 1.31 -9.47
CA GLU G 56 6.41 0.27 -9.13
C GLU G 56 6.06 0.35 -7.66
N LYS G 57 7.08 0.65 -6.85
CA LYS G 57 6.96 0.80 -5.40
C LYS G 57 7.73 2.04 -4.96
N CYS G 58 7.10 3.20 -4.99
CA CYS G 58 7.73 4.45 -4.59
C CYS G 58 7.79 4.56 -3.07
N LYS G 59 8.86 5.18 -2.57
CA LYS G 59 9.11 5.30 -1.13
C LYS G 59 8.36 6.45 -0.50
N TYR G 60 7.91 7.40 -1.33
CA TYR G 60 7.30 8.65 -0.87
C TYR G 60 5.79 8.68 -1.11
N PHE G 61 5.12 9.65 -0.51
CA PHE G 61 3.67 9.72 -0.55
C PHE G 61 3.17 10.40 -1.83
N HIS G 62 2.17 9.77 -2.46
CA HIS G 62 1.46 10.31 -3.59
C HIS G 62 0.17 10.97 -3.15
N PRO G 63 0.21 12.29 -2.92
CA PRO G 63 -0.99 12.92 -2.36
C PRO G 63 -2.11 13.05 -3.35
N PRO G 64 -3.33 12.72 -2.91
CA PRO G 64 -4.44 12.99 -3.80
C PRO G 64 -4.62 14.49 -4.07
N ALA G 65 -5.36 14.81 -5.12
CA ALA G 65 -5.44 16.16 -5.65
C ALA G 65 -5.93 17.12 -4.60
N HIS G 66 -6.87 16.70 -3.77
CA HIS G 66 -7.47 17.60 -2.73
C HIS G 66 -6.47 18.04 -1.64
N LEU G 67 -5.36 17.32 -1.49
CA LEU G 67 -4.30 17.73 -0.55
C LEU G 67 -3.28 18.67 -1.17
N GLN G 68 -3.33 18.80 -2.49
CA GLN G 68 -2.38 19.60 -3.23
C GLN G 68 -2.88 20.99 -3.57
N ALA G 69 -1.89 21.80 -3.98
CA ALA G 69 -2.04 23.09 -4.67
C ALA G 69 -3.27 23.90 -4.29
N ARG H 2 2.87 0.87 -13.96
CA ARG H 2 1.91 1.34 -12.91
C ARG H 2 0.46 1.36 -13.42
N THR H 3 -0.46 0.86 -12.58
CA THR H 3 -1.89 0.84 -12.89
C THR H 3 -2.51 2.22 -13.14
N ASP H 4 -1.91 3.24 -12.52
CA ASP H 4 -2.46 4.59 -12.54
C ASP H 4 -1.85 5.47 -13.62
N ARG H 5 -1.06 4.91 -14.54
CA ARG H 5 -0.50 5.69 -15.63
C ARG H 5 -1.02 5.09 -16.91
N LEU H 6 -1.74 5.90 -17.66
CA LEU H 6 -2.41 5.42 -18.86
C LEU H 6 -1.84 6.10 -20.10
N GLU H 7 -1.64 5.30 -21.15
CA GLU H 7 -1.12 5.80 -22.39
C GLU H 7 -2.17 6.68 -23.08
N VAL H 8 -1.73 7.79 -23.64
CA VAL H 8 -2.60 8.72 -24.34
C VAL H 8 -2.85 8.30 -25.78
N CYS H 9 -4.04 8.63 -26.26
CA CYS H 9 -4.48 8.35 -27.63
C CYS H 9 -3.82 9.33 -28.58
N ARG H 10 -2.90 8.84 -29.40
CA ARG H 10 -2.20 9.69 -30.38
C ARG H 10 -3.09 10.28 -31.47
N GLU H 11 -4.08 9.51 -31.91
CA GLU H 11 -5.06 10.02 -32.85
C GLU H 11 -5.89 11.15 -32.26
N TYR H 12 -6.26 11.04 -30.98
CA TYR H 12 -6.96 12.09 -30.29
C TYR H 12 -6.10 13.35 -30.22
N GLN H 13 -4.81 13.16 -29.94
CA GLN H 13 -3.88 14.27 -29.86
C GLN H 13 -3.77 15.05 -31.16
N ARG H 14 -3.86 14.39 -32.31
CA ARG H 14 -3.82 15.16 -33.55
C ARG H 14 -5.21 15.57 -34.07
N GLY H 15 -6.25 15.29 -33.29
CA GLY H 15 -7.63 15.70 -33.58
C GLY H 15 -8.43 14.68 -34.39
N ASN H 16 -7.91 13.46 -34.45
CA ASN H 16 -8.37 12.44 -35.39
C ASN H 16 -8.89 11.12 -34.79
N CYS H 17 -9.37 11.09 -33.55
CA CYS H 17 -9.91 9.82 -33.00
C CYS H 17 -11.40 9.71 -33.24
N ASN H 18 -11.73 8.73 -34.08
CA ASN H 18 -13.09 8.39 -34.54
C ASN H 18 -13.92 7.60 -33.54
N ARG H 19 -13.26 7.02 -32.55
CA ARG H 19 -13.88 6.00 -31.71
C ARG H 19 -14.76 6.58 -30.62
N GLY H 20 -14.37 7.74 -30.11
CA GLY H 20 -14.95 8.29 -28.91
C GLY H 20 -14.19 7.77 -27.70
N GLU H 21 -14.17 8.57 -26.65
CA GLU H 21 -13.55 8.20 -25.39
C GLU H 21 -14.05 6.86 -24.84
N ASN H 22 -15.34 6.56 -25.01
CA ASN H 22 -15.90 5.33 -24.45
C ASN H 22 -15.58 4.03 -25.17
N ASP H 23 -15.11 4.12 -26.40
CA ASP H 23 -14.67 2.93 -27.13
C ASP H 23 -13.16 2.80 -27.25
N CYS H 24 -12.45 3.90 -27.06
CA CYS H 24 -11.00 3.94 -27.28
C CYS H 24 -10.27 3.34 -26.09
N ARG H 25 -9.21 2.58 -26.37
CA ARG H 25 -8.46 1.89 -25.32
C ARG H 25 -7.46 2.81 -24.65
N PHE H 26 -7.28 4.02 -25.19
CA PHE H 26 -6.24 4.95 -24.71
C PHE H 26 -6.87 6.20 -24.15
N ALA H 27 -6.12 6.97 -23.37
CA ALA H 27 -6.72 8.15 -22.71
C ALA H 27 -6.93 9.33 -23.65
N HIS H 28 -8.05 10.02 -23.43
CA HIS H 28 -8.37 11.29 -24.04
C HIS H 28 -8.30 12.38 -22.96
N PRO H 29 -7.09 12.91 -22.74
CA PRO H 29 -6.93 13.88 -21.66
C PRO H 29 -7.70 15.17 -21.88
N ALA H 30 -8.22 15.73 -20.79
CA ALA H 30 -8.74 17.11 -20.82
C ALA H 30 -7.61 18.15 -20.96
N ASP H 31 -8.02 19.37 -21.28
CA ASP H 31 -7.04 20.43 -21.41
C ASP H 31 -6.14 20.53 -20.17
N SER H 32 -6.74 20.37 -19.00
CA SER H 32 -6.05 20.60 -17.73
C SER H 32 -5.19 19.41 -17.29
N THR H 33 -5.39 18.26 -17.93
CA THR H 33 -4.69 17.04 -17.56
C THR H 33 -3.24 17.07 -17.97
N MET H 34 -2.34 16.79 -17.03
CA MET H 34 -0.90 16.74 -17.28
C MET H 34 -0.55 15.53 -18.14
N ILE H 35 0.35 15.74 -19.10
CA ILE H 35 0.88 14.60 -19.88
C ILE H 35 2.39 14.50 -19.66
N ASP H 36 2.82 13.31 -19.25
CA ASP H 36 4.22 12.97 -19.12
C ASP H 36 4.78 12.65 -20.51
N THR H 37 5.60 13.58 -21.02
CA THR H 37 6.11 13.47 -22.39
C THR H 37 7.21 12.40 -22.57
N ASN H 38 7.70 11.85 -21.47
CA ASN H 38 8.64 10.72 -21.52
C ASN H 38 8.04 9.47 -22.13
N ASP H 39 6.77 9.20 -21.78
CA ASP H 39 6.07 8.03 -22.28
C ASP H 39 4.66 8.29 -22.81
N ASN H 40 4.29 9.56 -22.96
CA ASN H 40 2.97 9.96 -23.41
C ASN H 40 1.87 9.34 -22.57
N THR H 41 1.99 9.52 -21.25
CA THR H 41 0.96 9.04 -20.33
C THR H 41 0.33 10.14 -19.51
N VAL H 42 -0.83 9.83 -18.96
CA VAL H 42 -1.49 10.61 -17.92
C VAL H 42 -1.53 9.82 -16.62
N THR H 43 -1.66 10.53 -15.50
CA THR H 43 -1.69 9.92 -14.18
C THR H 43 -3.14 10.03 -13.68
N VAL H 44 -3.71 8.90 -13.29
CA VAL H 44 -5.10 8.85 -12.90
C VAL H 44 -5.32 9.53 -11.55
N CYS H 45 -6.43 10.24 -11.47
CA CYS H 45 -6.81 10.93 -10.24
C CYS H 45 -7.41 9.95 -9.22
N MET H 46 -6.72 9.78 -8.07
CA MET H 46 -7.21 8.81 -7.07
C MET H 46 -8.49 9.28 -6.41
N ASP H 47 -8.63 10.59 -6.19
CA ASP H 47 -9.88 11.14 -5.67
C ASP H 47 -11.07 10.72 -6.56
N TYR H 48 -10.91 10.85 -7.88
CA TYR H 48 -11.97 10.57 -8.82
C TYR H 48 -12.34 9.10 -8.77
N ILE H 49 -11.35 8.22 -8.80
CA ILE H 49 -11.65 6.81 -8.90
C ILE H 49 -12.16 6.24 -7.57
N LYS H 50 -11.74 6.79 -6.45
CA LYS H 50 -12.14 6.25 -5.14
C LYS H 50 -13.29 6.97 -4.47
N GLY H 51 -13.60 8.16 -4.94
CA GLY H 51 -14.69 8.93 -4.35
C GLY H 51 -15.20 9.94 -5.33
N ARG H 52 -15.02 11.21 -4.98
CA ARG H 52 -15.42 12.31 -5.82
C ARG H 52 -14.20 13.16 -5.99
N CYS H 53 -13.98 13.65 -7.19
CA CYS H 53 -13.07 14.76 -7.41
C CYS H 53 -13.91 15.92 -7.89
N SER H 54 -13.91 17.01 -7.12
CA SER H 54 -14.71 18.18 -7.45
C SER H 54 -13.91 19.22 -8.25
N ARG H 55 -12.65 18.93 -8.55
CA ARG H 55 -11.81 19.86 -9.31
C ARG H 55 -12.28 19.86 -10.77
N GLU H 56 -12.76 21.02 -11.21
CA GLU H 56 -13.20 21.23 -12.58
C GLU H 56 -12.07 21.21 -13.60
N LYS H 57 -10.85 21.52 -13.16
CA LYS H 57 -9.69 21.55 -14.05
C LYS H 57 -8.53 20.78 -13.40
N CYS H 58 -8.84 19.53 -13.08
CA CYS H 58 -7.88 18.66 -12.39
C CYS H 58 -6.67 18.39 -13.26
N LYS H 59 -5.50 18.29 -12.62
CA LYS H 59 -4.28 17.96 -13.34
C LYS H 59 -4.13 16.45 -13.56
N TYR H 60 -4.90 15.67 -12.81
CA TYR H 60 -4.90 14.22 -12.99
C TYR H 60 -6.08 13.77 -13.85
N PHE H 61 -5.97 12.58 -14.42
CA PHE H 61 -6.93 12.09 -15.38
C PHE H 61 -8.14 11.47 -14.73
N HIS H 62 -9.32 11.86 -15.20
CA HIS H 62 -10.58 11.30 -14.75
C HIS H 62 -11.06 10.29 -15.80
N PRO H 63 -10.76 8.99 -15.61
CA PRO H 63 -11.00 8.06 -16.73
C PRO H 63 -12.42 7.64 -16.96
N PRO H 64 -12.76 7.39 -18.22
CA PRO H 64 -14.06 6.78 -18.47
C PRO H 64 -14.14 5.43 -17.77
N ALA H 65 -15.35 4.96 -17.54
CA ALA H 65 -15.57 3.73 -16.79
C ALA H 65 -14.68 2.57 -17.27
N HIS H 66 -14.63 2.36 -18.57
CA HIS H 66 -13.95 1.18 -19.12
C HIS H 66 -12.41 1.22 -19.02
N LEU H 67 -11.85 2.40 -18.73
CA LEU H 67 -10.42 2.50 -18.53
C LEU H 67 -10.01 2.33 -17.07
N GLN H 68 -10.97 2.26 -16.15
CA GLN H 68 -10.65 2.06 -14.73
C GLN H 68 -10.56 0.55 -14.40
N ALA H 69 -9.84 0.24 -13.33
CA ALA H 69 -9.76 -1.12 -12.79
C ALA H 69 -11.14 -1.65 -12.44
#